data_7UKB
#
_entry.id   7UKB
#
_cell.length_a   58.792
_cell.length_b   58.792
_cell.length_c   146.068
_cell.angle_alpha   90.000
_cell.angle_beta   90.000
_cell.angle_gamma   90.000
#
_symmetry.space_group_name_H-M   'P 43 21 2'
#
loop_
_entity.id
_entity.type
_entity.pdbx_description
1 polymer alpha/beta-hydrolase
2 non-polymer 'CHLORIDE ION'
3 water water
#
_entity_poly.entity_id   1
_entity_poly.type   'polypeptide(L)'
_entity_poly.pdbx_seq_one_letter_code
;MSGLLEALNVRVVGSGERILVLSHGFGTDQSVWQRILPYFLRDFKVVLYDLVCAGSVNPDNFDFNRYSSLDAYVDDLLAI
LDELNIEKCVYVGHSVSAMIGCLASIRRPALFQKLILLGASPRYLNDGDYEGGFEQEDIDQVFSAMESNYAAWVSGFAPL
AVGADVPAAVREFSRTLFNMRPDIALFVARTVFESDLRGILGQVKVPCHIIQTKKDVAVPLSVADYLCRHLGGKTTVEIL
QTEGHLPQLSAPALVIQLLRRALSS
;
_entity_poly.pdbx_strand_id   A
#
loop_
_chem_comp.id
_chem_comp.type
_chem_comp.name
_chem_comp.formula
CL non-polymer 'CHLORIDE ION' 'Cl -1'
#
# COMPACT_ATOMS: atom_id res chain seq x y z
N GLY A 3 -0.66 0.81 23.85
CA GLY A 3 0.70 0.75 23.34
C GLY A 3 0.77 0.57 21.83
N LEU A 4 -0.39 0.52 21.19
CA LEU A 4 -0.43 0.31 19.74
C LEU A 4 0.14 1.50 19.00
N LEU A 5 -0.11 2.72 19.49
CA LEU A 5 0.40 3.91 18.80
C LEU A 5 1.92 3.94 18.80
N GLU A 6 2.54 3.57 19.91
CA GLU A 6 4.00 3.53 19.96
C GLU A 6 4.55 2.36 19.16
N ALA A 7 3.89 1.21 19.22
CA ALA A 7 4.41 0.00 18.59
C ALA A 7 4.47 0.15 17.07
N LEU A 8 3.47 0.80 16.47
CA LEU A 8 3.40 0.96 15.03
C LEU A 8 3.93 2.32 14.58
N ASN A 9 4.63 3.04 15.46
CA ASN A 9 5.28 4.32 15.11
C ASN A 9 4.30 5.29 14.49
N VAL A 10 3.14 5.45 15.14
CA VAL A 10 2.11 6.34 14.64
C VAL A 10 2.60 7.79 14.76
N ARG A 11 2.45 8.55 13.67
CA ARG A 11 2.84 9.94 13.64
C ARG A 11 1.66 10.78 13.18
N VAL A 12 1.38 11.85 13.92
CA VAL A 12 0.36 12.82 13.55
C VAL A 12 1.07 14.16 13.36
N VAL A 13 1.09 14.64 12.12
CA VAL A 13 1.83 15.85 11.77
C VAL A 13 1.02 16.66 10.77
N GLY A 14 1.15 17.98 10.85
CA GLY A 14 0.42 18.89 10.01
C GLY A 14 -0.58 19.73 10.80
N SER A 15 -1.01 20.82 10.19
CA SER A 15 -1.92 21.76 10.82
C SER A 15 -3.27 21.84 10.11
N GLY A 16 -3.53 20.97 9.14
CA GLY A 16 -4.77 21.02 8.40
C GLY A 16 -5.97 20.63 9.24
N GLU A 17 -7.15 20.90 8.68
CA GLU A 17 -8.41 20.67 9.37
C GLU A 17 -9.05 19.32 9.02
N ARG A 18 -8.63 18.69 7.93
CA ARG A 18 -9.12 17.37 7.55
C ARG A 18 -8.03 16.33 7.78
N ILE A 19 -8.46 15.09 8.02
CA ILE A 19 -7.54 14.00 8.35
C ILE A 19 -7.15 13.27 7.08
N LEU A 20 -5.84 13.11 6.87
CA LEU A 20 -5.29 12.33 5.76
C LEU A 20 -4.46 11.20 6.33
N VAL A 21 -4.79 9.97 5.99
CA VAL A 21 -4.08 8.78 6.46
C VAL A 21 -3.24 8.25 5.31
N LEU A 22 -1.96 8.02 5.58
CA LEU A 22 -1.03 7.45 4.62
C LEU A 22 -0.58 6.08 5.12
N SER A 23 -0.83 5.04 4.33
CA SER A 23 -0.50 3.68 4.70
C SER A 23 0.32 3.05 3.57
N HIS A 24 1.48 2.51 3.93
CA HIS A 24 2.47 2.06 2.96
C HIS A 24 2.25 0.59 2.58
N GLY A 25 3.04 0.14 1.60
CA GLY A 25 2.96 -1.22 1.13
C GLY A 25 4.05 -2.12 1.70
N PHE A 26 4.04 -3.37 1.25
CA PHE A 26 5.03 -4.34 1.68
C PHE A 26 6.43 -3.91 1.26
N GLY A 27 7.41 -4.18 2.13
CA GLY A 27 8.79 -3.91 1.82
C GLY A 27 9.32 -2.58 2.30
N THR A 28 8.44 -1.66 2.70
CA THR A 28 8.87 -0.34 3.13
C THR A 28 8.22 0.03 4.46
N ASP A 29 8.30 1.30 4.83
CA ASP A 29 7.59 1.81 6.01
C ASP A 29 7.09 3.21 5.66
N GLN A 30 6.72 3.97 6.69
CA GLN A 30 6.15 5.30 6.46
C GLN A 30 7.14 6.28 5.85
N SER A 31 8.44 5.96 5.84
CA SER A 31 9.40 6.83 5.17
C SER A 31 9.24 6.83 3.66
N VAL A 32 8.44 5.90 3.11
CA VAL A 32 8.15 5.90 1.68
C VAL A 32 7.43 7.17 1.27
N TRP A 33 6.78 7.85 2.21
CA TRP A 33 6.02 9.06 1.94
C TRP A 33 6.83 10.33 2.15
N GLN A 34 8.13 10.22 2.41
CA GLN A 34 8.92 11.38 2.83
CA GLN A 34 8.92 11.38 2.83
C GLN A 34 8.98 12.45 1.75
N ARG A 35 9.02 12.05 0.48
CA ARG A 35 9.19 13.03 -0.60
C ARG A 35 7.90 13.79 -0.91
N ILE A 36 6.73 13.23 -0.60
CA ILE A 36 5.47 13.94 -0.86
C ILE A 36 4.85 14.51 0.41
N LEU A 37 5.32 14.11 1.59
CA LEU A 37 4.69 14.53 2.84
C LEU A 37 4.62 16.05 3.05
N PRO A 38 5.66 16.84 2.74
CA PRO A 38 5.56 18.28 3.05
C PRO A 38 4.37 18.99 2.40
N TYR A 39 3.90 18.50 1.26
CA TYR A 39 2.96 19.25 0.43
C TYR A 39 1.51 18.90 0.73
N PHE A 40 1.23 18.35 1.91
CA PHE A 40 -0.14 18.10 2.33
C PHE A 40 -0.37 18.49 3.78
N LEU A 41 0.61 19.12 4.44
CA LEU A 41 0.48 19.50 5.83
C LEU A 41 -0.26 20.82 6.03
N ARG A 42 -0.47 21.58 4.95
CA ARG A 42 -1.23 22.83 5.07
C ARG A 42 -2.72 22.55 5.19
N ASP A 43 -3.25 21.71 4.29
CA ASP A 43 -4.68 21.44 4.22
C ASP A 43 -5.10 20.21 4.99
N PHE A 44 -4.16 19.38 5.44
CA PHE A 44 -4.50 18.14 6.14
C PHE A 44 -3.64 17.98 7.38
N LYS A 45 -4.21 17.30 8.38
CA LYS A 45 -3.43 16.73 9.48
C LYS A 45 -3.19 15.27 9.13
N VAL A 46 -1.94 14.92 8.88
CA VAL A 46 -1.59 13.64 8.28
C VAL A 46 -1.28 12.63 9.37
N VAL A 47 -1.89 11.45 9.27
CA VAL A 47 -1.62 10.34 10.16
C VAL A 47 -0.83 9.30 9.37
N LEU A 48 0.39 9.02 9.82
CA LEU A 48 1.21 7.97 9.25
C LEU A 48 1.45 6.89 10.30
N TYR A 49 1.73 5.68 9.82
CA TYR A 49 2.06 4.58 10.71
C TYR A 49 2.73 3.48 9.89
N ASP A 50 3.41 2.58 10.59
CA ASP A 50 4.07 1.45 9.96
C ASP A 50 3.21 0.20 10.12
N LEU A 51 3.06 -0.55 9.02
CA LEU A 51 2.46 -1.87 9.12
C LEU A 51 3.28 -2.73 10.09
N VAL A 52 2.62 -3.70 10.70
CA VAL A 52 3.27 -4.52 11.72
C VAL A 52 4.45 -5.30 11.16
N CYS A 53 4.50 -5.49 9.84
CA CYS A 53 5.56 -6.26 9.21
C CYS A 53 6.80 -5.43 8.87
N ALA A 54 6.72 -4.11 9.01
CA ALA A 54 7.86 -3.25 8.70
C ALA A 54 9.02 -3.54 9.66
N GLY A 55 10.24 -3.47 9.13
CA GLY A 55 11.42 -3.64 9.96
C GLY A 55 11.55 -2.60 11.05
N SER A 56 10.96 -1.42 10.87
CA SER A 56 10.97 -0.38 11.89
C SER A 56 10.06 -0.69 13.06
N VAL A 57 9.25 -1.75 12.96
CA VAL A 57 8.39 -2.20 14.04
C VAL A 57 9.06 -3.39 14.71
N ASN A 58 9.14 -3.36 16.04
CA ASN A 58 9.74 -4.45 16.80
C ASN A 58 9.05 -5.76 16.45
N PRO A 59 9.76 -6.74 15.89
CA PRO A 59 9.11 -7.98 15.47
C PRO A 59 8.47 -8.77 16.60
N ASP A 60 8.68 -8.37 17.85
CA ASP A 60 7.92 -8.96 18.96
C ASP A 60 6.44 -8.65 18.84
N ASN A 61 6.07 -7.63 18.06
CA ASN A 61 4.67 -7.31 17.84
C ASN A 61 4.01 -8.18 16.77
N PHE A 62 4.80 -8.86 15.93
CA PHE A 62 4.25 -9.62 14.82
C PHE A 62 3.78 -10.98 15.34
N ASP A 63 2.47 -11.16 15.42
CA ASP A 63 1.86 -12.43 15.81
C ASP A 63 1.57 -13.21 14.52
N PHE A 64 2.32 -14.29 14.29
CA PHE A 64 2.15 -15.05 13.07
C PHE A 64 0.76 -15.67 12.96
N ASN A 65 0.21 -16.11 14.09
CA ASN A 65 -1.15 -16.64 14.10
C ASN A 65 -2.16 -15.54 13.77
N ARG A 66 -1.99 -14.38 14.38
CA ARG A 66 -2.96 -13.29 14.20
C ARG A 66 -2.90 -12.73 12.78
N TYR A 67 -1.70 -12.44 12.28
CA TYR A 67 -1.53 -11.75 11.02
C TYR A 67 -1.48 -12.70 9.82
N SER A 68 -2.00 -13.92 9.96
CA SER A 68 -2.16 -14.79 8.80
C SER A 68 -3.25 -14.28 7.87
N SER A 69 -4.09 -13.37 8.34
CA SER A 69 -5.17 -12.78 7.55
C SER A 69 -4.99 -11.27 7.46
N LEU A 70 -5.40 -10.70 6.32
CA LEU A 70 -5.37 -9.25 6.17
C LEU A 70 -6.31 -8.56 7.13
N ASP A 71 -7.30 -9.26 7.68
CA ASP A 71 -8.22 -8.66 8.64
C ASP A 71 -7.50 -8.14 9.87
N ALA A 72 -6.40 -8.79 10.26
CA ALA A 72 -5.63 -8.32 11.41
C ALA A 72 -4.97 -6.99 11.13
N TYR A 73 -4.53 -6.78 9.89
CA TYR A 73 -4.01 -5.47 9.51
C TYR A 73 -5.12 -4.42 9.54
N VAL A 74 -6.34 -4.81 9.14
CA VAL A 74 -7.47 -3.90 9.22
C VAL A 74 -7.80 -3.58 10.67
N ASP A 75 -7.70 -4.59 11.55
CA ASP A 75 -7.90 -4.35 12.97
C ASP A 75 -6.94 -3.29 13.50
N ASP A 76 -5.66 -3.37 13.11
CA ASP A 76 -4.69 -2.39 13.56
C ASP A 76 -5.05 -1.00 13.10
N LEU A 77 -5.40 -0.85 11.82
CA LEU A 77 -5.72 0.46 11.27
C LEU A 77 -6.91 1.07 11.98
N LEU A 78 -7.96 0.28 12.20
CA LEU A 78 -9.16 0.80 12.86
C LEU A 78 -8.89 1.14 14.32
N ALA A 79 -8.07 0.33 15.00
CA ALA A 79 -7.74 0.62 16.39
C ALA A 79 -6.91 1.90 16.52
N ILE A 80 -6.05 2.17 15.54
CA ILE A 80 -5.29 3.43 15.56
C ILE A 80 -6.24 4.62 15.41
N LEU A 81 -7.11 4.57 14.40
CA LEU A 81 -8.03 5.67 14.17
C LEU A 81 -9.00 5.85 15.34
N ASP A 82 -9.43 4.74 15.94
CA ASP A 82 -10.32 4.84 17.10
C ASP A 82 -9.60 5.46 18.29
N GLU A 83 -8.35 5.06 18.54
CA GLU A 83 -7.62 5.63 19.66
C GLU A 83 -7.31 7.11 19.43
N LEU A 84 -7.21 7.54 18.18
CA LEU A 84 -7.01 8.94 17.84
C LEU A 84 -8.32 9.72 17.75
N ASN A 85 -9.45 9.08 18.03
CA ASN A 85 -10.76 9.72 17.97
C ASN A 85 -11.06 10.29 16.60
N ILE A 86 -10.57 9.63 15.55
CA ILE A 86 -10.80 10.05 14.18
C ILE A 86 -12.07 9.36 13.68
N GLU A 87 -13.10 10.15 13.38
CA GLU A 87 -14.37 9.63 12.91
C GLU A 87 -14.55 9.76 11.40
N LYS A 88 -13.70 10.52 10.72
CA LYS A 88 -13.78 10.66 9.28
C LYS A 88 -12.41 11.05 8.75
N CYS A 89 -12.03 10.48 7.61
CA CYS A 89 -10.71 10.73 7.04
C CYS A 89 -10.71 10.37 5.57
N VAL A 90 -9.70 10.89 4.87
CA VAL A 90 -9.33 10.41 3.54
C VAL A 90 -8.11 9.53 3.68
N TYR A 91 -8.11 8.40 2.99
CA TYR A 91 -7.12 7.34 3.19
C TYR A 91 -6.40 7.06 1.88
N VAL A 92 -5.07 7.10 1.93
CA VAL A 92 -4.22 6.76 0.79
C VAL A 92 -3.53 5.44 1.12
N GLY A 93 -3.84 4.40 0.35
CA GLY A 93 -3.24 3.10 0.57
C GLY A 93 -2.35 2.68 -0.58
N HIS A 94 -1.06 2.48 -0.30
CA HIS A 94 -0.12 2.00 -1.31
C HIS A 94 -0.10 0.48 -1.30
N SER A 95 -0.22 -0.11 -2.48
CA SER A 95 -0.14 -1.56 -2.66
C SER A 95 -1.11 -2.30 -1.74
N VAL A 96 -0.59 -3.11 -0.83
CA VAL A 96 -1.48 -3.93 0.02
C VAL A 96 -2.32 -3.05 0.93
N SER A 97 -1.82 -1.88 1.32
CA SER A 97 -2.59 -0.97 2.16
C SER A 97 -3.84 -0.48 1.44
N ALA A 98 -3.88 -0.54 0.11
CA ALA A 98 -5.09 -0.17 -0.61
C ALA A 98 -6.22 -1.17 -0.34
N MET A 99 -5.90 -2.47 -0.35
CA MET A 99 -6.89 -3.48 0.01
C MET A 99 -7.24 -3.41 1.49
N ILE A 100 -6.27 -3.05 2.34
CA ILE A 100 -6.56 -2.85 3.75
C ILE A 100 -7.57 -1.73 3.93
N GLY A 101 -7.42 -0.65 3.15
CA GLY A 101 -8.39 0.43 3.21
C GLY A 101 -9.77 0.03 2.71
N CYS A 102 -9.82 -0.80 1.66
CA CYS A 102 -11.10 -1.27 1.15
C CYS A 102 -11.81 -2.11 2.19
N LEU A 103 -11.10 -3.06 2.81
CA LEU A 103 -11.71 -3.89 3.84
C LEU A 103 -12.16 -3.06 5.03
N ALA A 104 -11.36 -2.06 5.41
CA ALA A 104 -11.73 -1.21 6.54
C ALA A 104 -12.98 -0.39 6.23
N SER A 105 -13.11 0.08 4.99
CA SER A 105 -14.29 0.85 4.62
CA SER A 105 -14.29 0.85 4.62
C SER A 105 -15.56 0.00 4.67
N ILE A 106 -15.45 -1.30 4.42
CA ILE A 106 -16.61 -2.17 4.53
C ILE A 106 -17.03 -2.30 5.98
N ARG A 107 -16.06 -2.41 6.90
CA ARG A 107 -16.38 -2.53 8.32
C ARG A 107 -16.91 -1.21 8.87
N ARG A 108 -16.37 -0.08 8.42
CA ARG A 108 -16.75 1.25 8.89
C ARG A 108 -17.13 2.10 7.68
N PRO A 109 -18.37 2.01 7.20
CA PRO A 109 -18.73 2.72 5.98
C PRO A 109 -18.71 4.23 6.11
N ALA A 110 -18.92 4.78 7.30
CA ALA A 110 -18.94 6.22 7.48
C ALA A 110 -17.56 6.80 7.78
N LEU A 111 -16.57 5.96 8.06
CA LEU A 111 -15.27 6.44 8.50
C LEU A 111 -14.43 7.02 7.37
N PHE A 112 -14.54 6.47 6.16
CA PHE A 112 -13.68 6.86 5.05
C PHE A 112 -14.46 7.71 4.07
N GLN A 113 -14.05 8.97 3.94
CA GLN A 113 -14.69 9.89 3.01
C GLN A 113 -14.29 9.58 1.57
N LYS A 114 -13.04 9.20 1.35
CA LYS A 114 -12.55 8.83 0.03
C LYS A 114 -11.33 7.93 0.21
N LEU A 115 -11.24 6.91 -0.65
CA LEU A 115 -10.09 6.02 -0.69
C LEU A 115 -9.26 6.31 -1.93
N ILE A 116 -7.97 6.52 -1.75
CA ILE A 116 -7.05 6.71 -2.87
C ILE A 116 -6.16 5.47 -2.94
N LEU A 117 -6.32 4.71 -4.01
CA LEU A 117 -5.64 3.43 -4.18
C LEU A 117 -4.42 3.63 -5.07
N LEU A 118 -3.23 3.43 -4.50
CA LEU A 118 -1.96 3.65 -5.20
C LEU A 118 -1.28 2.31 -5.42
N GLY A 119 -1.13 1.92 -6.68
CA GLY A 119 -0.54 0.62 -7.00
C GLY A 119 -1.33 -0.55 -6.47
N ALA A 120 -2.66 -0.46 -6.54
CA ALA A 120 -3.55 -1.43 -5.93
C ALA A 120 -3.80 -2.61 -6.88
N SER A 121 -3.98 -3.79 -6.28
CA SER A 121 -4.35 -4.99 -7.00
C SER A 121 -5.16 -5.88 -6.07
N PRO A 122 -6.32 -6.37 -6.51
CA PRO A 122 -7.09 -7.31 -5.68
C PRO A 122 -6.56 -8.74 -5.72
N ARG A 123 -5.71 -9.06 -6.70
CA ARG A 123 -5.22 -10.41 -6.89
C ARG A 123 -4.04 -10.40 -7.86
N TYR A 124 -2.89 -10.93 -7.43
CA TYR A 124 -1.71 -10.94 -8.27
C TYR A 124 -1.61 -12.20 -9.13
N LEU A 125 -2.22 -13.29 -8.69
CA LEU A 125 -2.23 -14.51 -9.49
C LEU A 125 -3.18 -14.35 -10.67
N ASN A 126 -2.75 -14.84 -11.83
CA ASN A 126 -3.62 -14.86 -12.99
C ASN A 126 -4.79 -15.82 -12.76
N ASP A 127 -5.88 -15.57 -13.49
CA ASP A 127 -7.07 -16.40 -13.38
C ASP A 127 -7.85 -16.29 -14.69
N GLY A 128 -7.55 -17.19 -15.62
CA GLY A 128 -8.18 -17.14 -16.92
C GLY A 128 -7.80 -15.87 -17.65
N ASP A 129 -8.80 -15.09 -18.05
CA ASP A 129 -8.55 -13.82 -18.71
C ASP A 129 -8.15 -12.72 -17.73
N TYR A 130 -8.32 -12.94 -16.42
CA TYR A 130 -7.85 -11.97 -15.43
C TYR A 130 -6.33 -12.02 -15.39
N GLU A 131 -5.69 -10.93 -15.81
CA GLU A 131 -4.24 -10.83 -15.79
C GLU A 131 -3.81 -10.15 -14.49
N GLY A 132 -3.48 -10.97 -13.49
CA GLY A 132 -2.89 -10.45 -12.27
C GLY A 132 -1.41 -10.14 -12.39
N GLY A 133 -0.73 -10.80 -13.32
CA GLY A 133 0.68 -10.57 -13.56
C GLY A 133 1.59 -11.71 -13.14
N PHE A 134 1.09 -12.69 -12.40
CA PHE A 134 1.93 -13.74 -11.85
C PHE A 134 1.22 -15.08 -11.92
N GLU A 135 1.99 -16.13 -12.13
CA GLU A 135 1.54 -17.51 -11.94
C GLU A 135 2.06 -18.04 -10.61
N GLN A 136 1.56 -19.20 -10.22
CA GLN A 136 2.02 -19.82 -8.98
C GLN A 136 3.51 -20.11 -9.04
N GLU A 137 4.01 -20.52 -10.21
CA GLU A 137 5.44 -20.76 -10.37
C GLU A 137 6.25 -19.51 -10.11
N ASP A 138 5.70 -18.34 -10.46
CA ASP A 138 6.40 -17.08 -10.21
C ASP A 138 6.55 -16.82 -8.72
N ILE A 139 5.44 -16.91 -7.97
CA ILE A 139 5.52 -16.60 -6.54
C ILE A 139 6.26 -17.70 -5.80
N ASP A 140 6.19 -18.95 -6.29
CA ASP A 140 6.98 -20.01 -5.68
C ASP A 140 8.47 -19.74 -5.84
N GLN A 141 8.87 -19.18 -6.98
CA GLN A 141 10.26 -18.80 -7.18
C GLN A 141 10.66 -17.67 -6.25
N VAL A 142 9.73 -16.75 -5.96
CA VAL A 142 10.01 -15.67 -5.02
C VAL A 142 10.26 -16.24 -3.62
N PHE A 143 9.38 -17.14 -3.17
CA PHE A 143 9.55 -17.75 -1.86
C PHE A 143 10.84 -18.54 -1.78
N SER A 144 11.16 -19.28 -2.85
CA SER A 144 12.40 -20.04 -2.87
C SER A 144 13.62 -19.15 -2.79
N ALA A 145 13.58 -17.99 -3.47
CA ALA A 145 14.71 -17.06 -3.44
C ALA A 145 14.89 -16.47 -2.05
N MET A 146 13.80 -16.09 -1.39
CA MET A 146 13.92 -15.52 -0.05
CA MET A 146 13.90 -15.54 -0.03
C MET A 146 14.53 -16.53 0.93
N GLU A 147 14.20 -17.81 0.77
CA GLU A 147 14.70 -18.82 1.69
C GLU A 147 16.18 -19.11 1.45
N SER A 148 16.58 -19.27 0.20
CA SER A 148 17.96 -19.66 -0.10
C SER A 148 18.93 -18.51 0.15
N ASN A 149 18.61 -17.31 -0.32
CA ASN A 149 19.47 -16.15 -0.13
C ASN A 149 18.60 -14.90 -0.12
N TYR A 150 18.39 -14.35 1.07
CA TYR A 150 17.51 -13.19 1.21
C TYR A 150 18.07 -11.97 0.48
N ALA A 151 19.38 -11.73 0.60
CA ALA A 151 19.98 -10.57 -0.04
C ALA A 151 19.87 -10.66 -1.56
N ALA A 152 20.05 -11.86 -2.12
CA ALA A 152 19.90 -12.03 -3.56
C ALA A 152 18.47 -11.72 -4.00
N TRP A 153 17.48 -12.05 -3.17
CA TRP A 153 16.10 -11.70 -3.51
C TRP A 153 15.88 -10.19 -3.44
N VAL A 154 16.44 -9.54 -2.42
CA VAL A 154 16.24 -8.10 -2.26
C VAL A 154 16.83 -7.36 -3.45
N SER A 155 18.04 -7.73 -3.86
CA SER A 155 18.70 -7.05 -4.99
C SER A 155 17.95 -7.26 -6.30
N GLY A 156 17.09 -8.28 -6.38
CA GLY A 156 16.33 -8.49 -7.59
C GLY A 156 14.97 -7.84 -7.53
N PHE A 157 14.41 -7.73 -6.32
CA PHE A 157 13.06 -7.19 -6.15
C PHE A 157 13.07 -5.67 -6.10
N ALA A 158 14.08 -5.07 -5.45
CA ALA A 158 14.05 -3.63 -5.22
C ALA A 158 14.16 -2.82 -6.52
N PRO A 159 15.14 -3.05 -7.40
CA PRO A 159 15.20 -2.22 -8.62
C PRO A 159 14.05 -2.48 -9.57
N LEU A 160 13.52 -3.70 -9.61
CA LEU A 160 12.39 -3.98 -10.50
C LEU A 160 11.08 -3.42 -9.95
N ALA A 161 10.95 -3.35 -8.62
CA ALA A 161 9.78 -2.70 -8.04
C ALA A 161 9.80 -1.20 -8.32
N VAL A 162 10.97 -0.56 -8.15
CA VAL A 162 11.11 0.85 -8.49
C VAL A 162 10.92 1.05 -9.99
N GLY A 163 11.38 0.11 -10.79
CA GLY A 163 11.15 0.15 -12.23
C GLY A 163 12.03 1.12 -12.97
N ALA A 164 11.74 2.41 -12.84
CA ALA A 164 12.54 3.43 -13.51
C ALA A 164 13.93 3.52 -12.88
N ASP A 165 14.89 4.01 -13.66
CA ASP A 165 16.27 4.16 -13.22
C ASP A 165 16.37 5.39 -12.32
N VAL A 166 15.94 5.22 -11.08
CA VAL A 166 16.05 6.26 -10.07
C VAL A 166 16.86 5.71 -8.91
N PRO A 167 18.17 5.92 -8.88
CA PRO A 167 19.01 5.25 -7.86
C PRO A 167 18.63 5.61 -6.43
N ALA A 168 18.15 6.81 -6.18
CA ALA A 168 17.76 7.19 -4.82
C ALA A 168 16.57 6.39 -4.34
N ALA A 169 15.63 6.08 -5.24
CA ALA A 169 14.47 5.28 -4.86
C ALA A 169 14.86 3.82 -4.66
N VAL A 170 15.74 3.30 -5.51
CA VAL A 170 16.23 1.93 -5.33
C VAL A 170 16.97 1.81 -4.00
N ARG A 171 17.79 2.80 -3.67
CA ARG A 171 18.52 2.78 -2.41
C ARG A 171 17.57 2.76 -1.22
N GLU A 172 16.52 3.57 -1.26
CA GLU A 172 15.58 3.63 -0.14
C GLU A 172 14.79 2.34 0.00
N PHE A 173 14.29 1.80 -1.12
CA PHE A 173 13.49 0.58 -1.04
C PHE A 173 14.36 -0.62 -0.68
N SER A 174 15.62 -0.65 -1.14
CA SER A 174 16.54 -1.70 -0.70
C SER A 174 16.79 -1.61 0.80
N ARG A 175 16.93 -0.39 1.32
CA ARG A 175 17.22 -0.21 2.73
C ARG A 175 16.12 -0.78 3.61
N THR A 176 14.86 -0.42 3.32
CA THR A 176 13.77 -0.92 4.13
C THR A 176 13.56 -2.43 3.95
N LEU A 177 13.84 -2.95 2.76
CA LEU A 177 13.75 -4.39 2.54
C LEU A 177 14.79 -5.13 3.36
N PHE A 178 16.04 -4.65 3.37
CA PHE A 178 17.07 -5.26 4.19
C PHE A 178 16.81 -5.05 5.68
N ASN A 179 16.01 -4.05 6.05
CA ASN A 179 15.64 -3.82 7.43
C ASN A 179 14.59 -4.81 7.92
N MET A 180 14.00 -5.59 7.02
CA MET A 180 12.93 -6.51 7.37
C MET A 180 13.49 -7.88 7.74
N ARG A 181 12.89 -8.51 8.74
CA ARG A 181 13.33 -9.83 9.16
C ARG A 181 12.96 -10.85 8.08
N PRO A 182 13.90 -11.71 7.65
CA PRO A 182 13.62 -12.58 6.49
C PRO A 182 12.41 -13.49 6.67
N ASP A 183 12.21 -14.05 7.87
CA ASP A 183 11.07 -14.94 8.06
C ASP A 183 9.75 -14.17 8.00
N ILE A 184 9.73 -12.94 8.49
CA ILE A 184 8.52 -12.13 8.39
C ILE A 184 8.27 -11.73 6.94
N ALA A 185 9.33 -11.38 6.20
CA ALA A 185 9.18 -11.01 4.80
C ALA A 185 8.61 -12.18 3.99
N LEU A 186 9.06 -13.40 4.27
CA LEU A 186 8.52 -14.56 3.58
C LEU A 186 7.07 -14.80 3.96
N PHE A 187 6.73 -14.65 5.24
CA PHE A 187 5.37 -14.89 5.69
C PHE A 187 4.40 -13.90 5.09
N VAL A 188 4.78 -12.61 5.07
CA VAL A 188 3.86 -11.57 4.61
C VAL A 188 3.76 -11.57 3.09
N ALA A 189 4.86 -11.87 2.38
CA ALA A 189 4.79 -11.97 0.93
C ALA A 189 3.80 -13.05 0.50
N ARG A 190 3.76 -14.16 1.23
CA ARG A 190 2.76 -15.19 0.96
C ARG A 190 1.36 -14.66 1.19
N THR A 191 1.18 -13.81 2.20
CA THR A 191 -0.13 -13.24 2.48
C THR A 191 -0.58 -12.35 1.32
N VAL A 192 0.32 -11.52 0.80
CA VAL A 192 -0.05 -10.58 -0.25
C VAL A 192 -0.13 -11.27 -1.61
N PHE A 193 0.88 -12.08 -1.95
CA PHE A 193 0.95 -12.66 -3.28
C PHE A 193 -0.20 -13.64 -3.53
N GLU A 194 -0.71 -14.28 -2.48
CA GLU A 194 -1.76 -15.28 -2.62
C GLU A 194 -3.14 -14.74 -2.22
N SER A 195 -3.28 -13.42 -2.11
CA SER A 195 -4.55 -12.83 -1.75
C SER A 195 -5.47 -12.72 -2.96
N ASP A 196 -6.77 -12.61 -2.67
CA ASP A 196 -7.78 -12.43 -3.71
C ASP A 196 -8.96 -11.71 -3.07
N LEU A 197 -9.02 -10.39 -3.27
CA LEU A 197 -10.10 -9.57 -2.74
C LEU A 197 -11.10 -9.17 -3.81
N ARG A 198 -11.08 -9.82 -4.97
CA ARG A 198 -12.02 -9.48 -6.04
C ARG A 198 -13.47 -9.59 -5.58
N GLY A 199 -13.77 -10.52 -4.67
CA GLY A 199 -15.15 -10.77 -4.30
C GLY A 199 -15.77 -9.66 -3.48
N ILE A 200 -14.97 -8.91 -2.72
CA ILE A 200 -15.49 -7.89 -1.82
C ILE A 200 -15.44 -6.49 -2.41
N LEU A 201 -14.94 -6.35 -3.64
CA LEU A 201 -14.83 -5.02 -4.24
C LEU A 201 -16.20 -4.37 -4.39
N GLY A 202 -17.23 -5.16 -4.70
CA GLY A 202 -18.56 -4.62 -4.85
C GLY A 202 -19.16 -4.08 -3.57
N GLN A 203 -18.67 -4.54 -2.42
CA GLN A 203 -19.16 -4.07 -1.12
C GLN A 203 -18.54 -2.74 -0.71
N VAL A 204 -17.45 -2.32 -1.36
CA VAL A 204 -16.88 -1.00 -1.10
C VAL A 204 -17.77 0.05 -1.73
N LYS A 205 -18.35 0.92 -0.90
CA LYS A 205 -19.31 1.90 -1.38
C LYS A 205 -18.78 3.33 -1.39
N VAL A 206 -17.66 3.60 -0.75
CA VAL A 206 -17.10 4.95 -0.70
C VAL A 206 -16.41 5.26 -2.02
N PRO A 207 -16.30 6.53 -2.42
CA PRO A 207 -15.59 6.85 -3.66
C PRO A 207 -14.12 6.44 -3.60
N CYS A 208 -13.63 5.91 -4.72
CA CYS A 208 -12.26 5.44 -4.83
C CYS A 208 -11.59 6.09 -6.02
N HIS A 209 -10.39 6.63 -5.80
CA HIS A 209 -9.56 7.17 -6.87
C HIS A 209 -8.38 6.23 -7.08
N ILE A 210 -8.27 5.68 -8.28
CA ILE A 210 -7.27 4.67 -8.60
C ILE A 210 -6.11 5.35 -9.33
N ILE A 211 -4.92 5.31 -8.72
CA ILE A 211 -3.73 5.91 -9.29
C ILE A 211 -2.81 4.77 -9.74
N GLN A 212 -2.65 4.65 -11.06
CA GLN A 212 -1.89 3.57 -11.67
C GLN A 212 -0.76 4.16 -12.51
N THR A 213 0.43 3.58 -12.37
CA THR A 213 1.53 4.04 -13.22
C THR A 213 1.45 3.36 -14.59
N LYS A 214 2.08 3.99 -15.58
CA LYS A 214 2.01 3.51 -16.95
C LYS A 214 2.74 2.18 -17.13
N LYS A 215 3.58 1.77 -16.18
CA LYS A 215 4.32 0.51 -16.30
C LYS A 215 4.67 0.06 -14.88
N ASP A 216 3.89 -0.87 -14.34
CA ASP A 216 4.06 -1.38 -12.98
C ASP A 216 4.27 -2.89 -13.05
N VAL A 217 5.42 -3.35 -12.58
CA VAL A 217 5.73 -4.78 -12.63
C VAL A 217 4.80 -5.58 -11.75
N ALA A 218 4.22 -4.97 -10.72
CA ALA A 218 3.33 -5.68 -9.81
C ALA A 218 1.86 -5.55 -10.19
N VAL A 219 1.49 -4.55 -10.98
CA VAL A 219 0.10 -4.30 -11.31
C VAL A 219 -0.06 -4.03 -12.81
N PRO A 220 -0.55 -4.99 -13.58
CA PRO A 220 -0.85 -4.71 -14.99
C PRO A 220 -1.93 -3.66 -15.12
N LEU A 221 -1.94 -2.99 -16.28
CA LEU A 221 -2.91 -1.93 -16.51
C LEU A 221 -4.34 -2.44 -16.40
N SER A 222 -4.59 -3.67 -16.86
CA SER A 222 -5.94 -4.22 -16.81
C SER A 222 -6.46 -4.34 -15.38
N VAL A 223 -5.56 -4.45 -14.41
CA VAL A 223 -5.99 -4.52 -13.01
C VAL A 223 -6.61 -3.20 -12.58
N ALA A 224 -6.01 -2.07 -12.98
CA ALA A 224 -6.58 -0.77 -12.68
C ALA A 224 -7.99 -0.65 -13.24
N ASP A 225 -8.20 -1.10 -14.48
CA ASP A 225 -9.53 -1.05 -15.07
CA ASP A 225 -9.54 -1.04 -15.05
C ASP A 225 -10.47 -2.07 -14.43
N TYR A 226 -9.92 -3.18 -13.93
CA TYR A 226 -10.74 -4.15 -13.21
C TYR A 226 -11.28 -3.54 -11.91
N LEU A 227 -10.43 -2.84 -11.17
CA LEU A 227 -10.88 -2.14 -9.98
C LEU A 227 -11.95 -1.11 -10.31
N CYS A 228 -11.77 -0.39 -11.43
CA CYS A 228 -12.73 0.63 -11.83
C CYS A 228 -14.12 0.03 -12.05
N ARG A 229 -14.17 -1.17 -12.65
CA ARG A 229 -15.46 -1.75 -13.01
C ARG A 229 -16.13 -2.49 -11.87
N HIS A 230 -15.40 -2.89 -10.84
CA HIS A 230 -15.94 -3.78 -9.83
C HIS A 230 -16.10 -3.17 -8.45
N LEU A 231 -15.42 -2.06 -8.15
CA LEU A 231 -15.68 -1.36 -6.90
C LEU A 231 -17.10 -0.81 -6.91
N GLY A 232 -17.79 -0.97 -5.78
CA GLY A 232 -19.21 -0.67 -5.70
C GLY A 232 -19.60 0.79 -5.54
N GLY A 233 -18.64 1.71 -5.57
CA GLY A 233 -18.97 3.12 -5.45
C GLY A 233 -18.47 3.92 -6.63
N LYS A 234 -18.40 5.25 -6.47
CA LYS A 234 -17.85 6.11 -7.50
C LYS A 234 -16.35 5.85 -7.64
N THR A 235 -15.91 5.53 -8.86
CA THR A 235 -14.50 5.23 -9.11
C THR A 235 -13.98 6.04 -10.27
N THR A 236 -12.73 6.47 -10.16
CA THR A 236 -12.01 7.12 -11.24
C THR A 236 -10.59 6.57 -11.31
N VAL A 237 -10.08 6.44 -12.52
CA VAL A 237 -8.73 5.92 -12.75
C VAL A 237 -7.90 7.03 -13.38
N GLU A 238 -6.68 7.20 -12.89
CA GLU A 238 -5.73 8.15 -13.46
C GLU A 238 -4.39 7.45 -13.64
N ILE A 239 -3.79 7.63 -14.81
CA ILE A 239 -2.55 6.96 -15.17
C ILE A 239 -1.40 7.92 -14.87
N LEU A 240 -0.56 7.55 -13.90
CA LEU A 240 0.69 8.26 -13.68
C LEU A 240 1.62 8.02 -14.86
N GLN A 241 2.07 9.10 -15.49
CA GLN A 241 2.94 9.01 -16.68
C GLN A 241 4.39 8.74 -16.25
N THR A 242 4.59 7.57 -15.64
CA THR A 242 5.90 7.17 -15.15
C THR A 242 5.91 5.66 -14.98
N GLU A 243 7.11 5.12 -14.80
CA GLU A 243 7.31 3.69 -14.63
C GLU A 243 7.63 3.38 -13.17
N GLY A 244 7.01 2.34 -12.63
CA GLY A 244 7.34 1.91 -11.28
C GLY A 244 6.19 1.56 -10.37
N HIS A 245 6.47 0.82 -9.31
CA HIS A 245 5.47 0.45 -8.31
C HIS A 245 5.50 1.34 -7.09
N LEU A 246 6.53 2.17 -6.92
CA LEU A 246 6.62 3.12 -5.81
C LEU A 246 6.84 4.52 -6.36
N PRO A 247 5.84 5.08 -7.04
CA PRO A 247 6.02 6.40 -7.66
C PRO A 247 6.16 7.53 -6.65
N GLN A 248 5.70 7.35 -5.41
CA GLN A 248 5.92 8.39 -4.41
C GLN A 248 7.39 8.54 -4.06
N LEU A 249 8.21 7.50 -4.32
CA LEU A 249 9.65 7.59 -4.16
C LEU A 249 10.36 7.99 -5.45
N SER A 250 9.94 7.43 -6.58
CA SER A 250 10.66 7.59 -7.83
C SER A 250 10.19 8.77 -8.67
N ALA A 251 8.96 9.25 -8.46
CA ALA A 251 8.42 10.38 -9.20
C ALA A 251 7.50 11.19 -8.29
N PRO A 252 8.05 11.78 -7.21
CA PRO A 252 7.18 12.45 -6.24
C PRO A 252 6.44 13.65 -6.80
N ALA A 253 7.08 14.42 -7.69
CA ALA A 253 6.44 15.62 -8.23
C ALA A 253 5.13 15.29 -8.93
N LEU A 254 5.11 14.21 -9.71
CA LEU A 254 3.88 13.81 -10.38
C LEU A 254 2.86 13.28 -9.39
N VAL A 255 3.31 12.56 -8.37
CA VAL A 255 2.38 12.05 -7.35
C VAL A 255 1.76 13.19 -6.57
N ILE A 256 2.56 14.21 -6.23
CA ILE A 256 2.03 15.38 -5.54
C ILE A 256 0.97 16.07 -6.40
N GLN A 257 1.22 16.19 -7.71
CA GLN A 257 0.27 16.83 -8.60
CA GLN A 257 0.26 16.84 -8.59
C GLN A 257 -1.05 16.06 -8.65
N LEU A 258 -0.97 14.74 -8.87
CA LEU A 258 -2.18 13.94 -8.97
C LEU A 258 -2.91 13.88 -7.63
N LEU A 259 -2.16 13.72 -6.53
CA LEU A 259 -2.79 13.60 -5.23
C LEU A 259 -3.49 14.90 -4.82
N ARG A 260 -2.90 16.04 -5.17
CA ARG A 260 -3.55 17.32 -4.89
C ARG A 260 -4.87 17.44 -5.63
N ARG A 261 -4.94 16.97 -6.87
CA ARG A 261 -6.18 17.02 -7.63
C ARG A 261 -7.25 16.16 -6.98
N ALA A 262 -6.91 14.92 -6.63
CA ALA A 262 -7.88 14.01 -6.02
C ALA A 262 -8.34 14.50 -4.65
N LEU A 263 -7.56 15.34 -3.99
CA LEU A 263 -7.89 15.83 -2.65
C LEU A 263 -8.49 17.22 -2.66
N SER A 264 -8.67 17.84 -3.83
CA SER A 264 -9.12 19.23 -3.93
C SER A 264 -8.19 20.16 -3.14
N SER A 265 -6.89 19.93 -3.26
CA SER A 265 -5.91 20.75 -2.56
C SER A 265 -4.76 21.15 -3.50
CL CL B . 2.31 -4.73 -1.00
#